data_6ODD
#
_entry.id   6ODD
#
_cell.length_a   123.190
_cell.length_b   123.190
_cell.length_c   123.190
_cell.angle_alpha   90.000
_cell.angle_beta   90.000
_cell.angle_gamma   90.000
#
_symmetry.space_group_name_H-M   'I 21 3'
#
loop_
_entity.id
_entity.type
_entity.pdbx_description
1 polymer 'Acyl carrier protein, mitochondrial'
2 polymer 'LYR motif-containing protein 4'
3 non-polymer 'S-[2-({N-[(2R)-2-hydroxy-3,3-dimethyl-4-(phosphonooxy)butanoyl]-beta-alanyl}amino)ethyl] dodecanethioate'
4 non-polymer 'CALCIUM ION'
5 water water
#
loop_
_entity_poly.entity_id
_entity_poly.type
_entity_poly.pdbx_seq_one_letter_code
_entity_poly.pdbx_strand_id
1 'polypeptide(L)'
;PPLTLEGIQDRVLYVLKLYDKIDPEKLSVNSHFMKDLGLDSLDQVEIIMAMEDEFGFEIPDIDAEKLMCPQEIVDYIADK
KDVYE
;
A
2 'polypeptide(L)' SRAQVLSLYRAMLRESKRFSAYNYRTYAVRRIRDAFRENKNVKDPVEIQTLVNKAKRDLGVIRRQVHIGQLYST B
#
# COMPACT_ATOMS: atom_id res chain seq x y z
N PRO A 1 25.65 4.01 -1.02
CA PRO A 1 26.03 3.80 -2.43
C PRO A 1 24.95 4.27 -3.40
N PRO A 2 25.34 4.97 -4.46
CA PRO A 2 24.33 5.50 -5.39
C PRO A 2 23.53 4.40 -6.05
N LEU A 3 22.26 4.70 -6.34
CA LEU A 3 21.35 3.69 -6.89
C LEU A 3 21.69 3.38 -8.34
N THR A 4 21.46 2.13 -8.72
CA THR A 4 21.63 1.65 -10.08
C THR A 4 20.37 0.90 -10.49
N LEU A 5 20.22 0.69 -11.80
CA LEU A 5 19.06 -0.05 -12.29
C LEU A 5 19.09 -1.48 -11.77
N GLU A 6 20.28 -2.07 -11.68
CA GLU A 6 20.42 -3.42 -11.17
C GLU A 6 20.00 -3.49 -9.70
N GLY A 7 20.46 -2.53 -8.90
CA GLY A 7 20.08 -2.51 -7.50
C GLY A 7 18.59 -2.26 -7.29
N ILE A 8 18.01 -1.40 -8.12
CA ILE A 8 16.59 -1.12 -8.00
C ILE A 8 15.77 -2.37 -8.26
N GLN A 9 16.08 -3.09 -9.34
CA GLN A 9 15.31 -4.27 -9.70
C GLN A 9 15.47 -5.36 -8.64
N ASP A 10 16.69 -5.53 -8.13
CA ASP A 10 16.92 -6.54 -7.10
C ASP A 10 16.11 -6.24 -5.84
N ARG A 11 16.04 -4.97 -5.44
CA ARG A 11 15.31 -4.60 -4.23
C ARG A 11 13.81 -4.63 -4.43
N VAL A 12 13.32 -4.24 -5.61
CA VAL A 12 11.90 -4.38 -5.90
C VAL A 12 11.47 -5.84 -5.78
N LEU A 13 12.21 -6.74 -6.43
CA LEU A 13 11.84 -8.16 -6.38
C LEU A 13 11.98 -8.72 -4.97
N TYR A 14 12.98 -8.24 -4.22
CA TYR A 14 13.14 -8.67 -2.83
C TYR A 14 11.90 -8.34 -2.01
N VAL A 15 11.38 -7.11 -2.15
CA VAL A 15 10.17 -6.70 -1.43
C VAL A 15 9.01 -7.62 -1.78
N LEU A 16 8.89 -7.98 -3.06
CA LEU A 16 7.80 -8.86 -3.49
C LEU A 16 8.00 -10.29 -3.00
N LYS A 17 9.24 -10.75 -2.87
CA LYS A 17 9.48 -12.09 -2.34
C LYS A 17 9.17 -12.16 -0.85
N LEU A 18 9.07 -11.03 -0.18
CA LEU A 18 8.63 -10.99 1.22
C LEU A 18 7.12 -10.76 1.36
N TYR A 19 6.41 -10.47 0.27
CA TYR A 19 4.96 -10.36 0.31
C TYR A 19 4.37 -11.77 0.23
N ASP A 20 3.79 -12.25 1.35
CA ASP A 20 3.52 -13.67 1.49
C ASP A 20 2.38 -14.16 0.61
N LYS A 21 1.60 -13.27 -0.02
CA LYS A 21 0.51 -13.71 -0.86
C LYS A 21 0.95 -14.13 -2.27
N ILE A 22 2.18 -13.82 -2.67
CA ILE A 22 2.64 -14.10 -4.02
C ILE A 22 3.23 -15.52 -4.06
N ASP A 23 2.83 -16.28 -5.06
CA ASP A 23 3.43 -17.59 -5.33
C ASP A 23 4.86 -17.39 -5.80
N PRO A 24 5.87 -17.85 -5.06
CA PRO A 24 7.26 -17.55 -5.47
C PRO A 24 7.60 -17.97 -6.89
N GLU A 25 7.04 -19.07 -7.36
CA GLU A 25 7.43 -19.60 -8.65
C GLU A 25 6.71 -18.96 -9.83
N LYS A 26 5.78 -18.04 -9.62
CA LYS A 26 5.23 -17.29 -10.74
C LYS A 26 5.83 -15.89 -10.83
N LEU A 27 6.50 -15.43 -9.76
CA LEU A 27 7.02 -14.06 -9.75
C LEU A 27 8.15 -13.90 -10.77
N SER A 28 7.98 -12.95 -11.69
CA SER A 28 9.04 -12.51 -12.59
C SER A 28 8.94 -10.98 -12.70
N VAL A 29 9.93 -10.38 -13.36
CA VAL A 29 9.97 -8.93 -13.45
C VAL A 29 8.79 -8.38 -14.25
N ASN A 30 8.15 -9.22 -15.08
CA ASN A 30 7.00 -8.79 -15.86
C ASN A 30 5.71 -9.46 -15.42
N SER A 31 5.67 -10.01 -14.20
CA SER A 31 4.45 -10.62 -13.69
C SER A 31 3.43 -9.53 -13.37
N HIS A 32 2.27 -9.58 -14.00
CA HIS A 32 1.18 -8.66 -13.68
C HIS A 32 0.55 -9.04 -12.35
N PHE A 33 0.43 -8.06 -11.45
CA PHE A 33 0.01 -8.37 -10.08
C PHE A 33 -1.35 -9.07 -10.07
N MET A 34 -2.23 -8.65 -10.96
CA MET A 34 -3.59 -9.19 -11.03
C MET A 34 -3.71 -10.37 -11.99
N LYS A 35 -3.32 -10.17 -13.23
CA LYS A 35 -3.55 -11.18 -14.25
C LYS A 35 -2.64 -12.39 -14.06
N ASP A 36 -1.46 -12.21 -13.48
CA ASP A 36 -0.49 -13.29 -13.35
C ASP A 36 -0.32 -13.79 -11.92
N LEU A 37 -0.38 -12.92 -10.92
CA LEU A 37 -0.08 -13.30 -9.55
C LEU A 37 -1.32 -13.45 -8.68
N GLY A 38 -2.51 -13.23 -9.23
CA GLY A 38 -3.73 -13.45 -8.46
C GLY A 38 -3.93 -12.51 -7.28
N LEU A 39 -3.38 -11.32 -7.35
CA LEU A 39 -3.58 -10.31 -6.32
C LEU A 39 -4.76 -9.43 -6.71
N ASP A 40 -5.23 -8.62 -5.76
CA ASP A 40 -6.26 -7.62 -6.05
C ASP A 40 -5.72 -6.23 -5.72
N SER A 41 -6.59 -5.21 -5.85
CA SER A 41 -6.15 -3.83 -5.75
C SER A 41 -5.93 -3.40 -4.30
N LEU A 42 -6.49 -4.12 -3.33
CA LEU A 42 -6.10 -3.90 -1.95
C LEU A 42 -4.67 -4.35 -1.72
N ASP A 43 -4.31 -5.53 -2.24
CA ASP A 43 -2.91 -5.97 -2.19
C ASP A 43 -2.00 -4.95 -2.87
N GLN A 44 -2.40 -4.46 -4.04
CA GLN A 44 -1.54 -3.55 -4.80
C GLN A 44 -1.23 -2.27 -4.02
N VAL A 45 -2.23 -1.73 -3.32
CA VAL A 45 -1.96 -0.56 -2.48
C VAL A 45 -0.86 -0.88 -1.48
N GLU A 46 -0.95 -2.04 -0.83
CA GLU A 46 0.04 -2.41 0.18
C GLU A 46 1.43 -2.61 -0.44
N ILE A 47 1.47 -3.20 -1.64
CA ILE A 47 2.76 -3.46 -2.28
C ILE A 47 3.49 -2.15 -2.55
N ILE A 48 2.79 -1.16 -3.10
CA ILE A 48 3.45 0.11 -3.41
C ILE A 48 3.87 0.83 -2.12
N MET A 49 3.07 0.73 -1.06
CA MET A 49 3.50 1.29 0.23
C MET A 49 4.79 0.62 0.70
N ALA A 50 4.92 -0.69 0.49
CA ALA A 50 6.17 -1.38 0.83
C ALA A 50 7.34 -0.89 -0.02
N MET A 51 7.10 -0.53 -1.28
CA MET A 51 8.16 0.05 -2.10
C MET A 51 8.57 1.42 -1.57
N GLU A 52 7.60 2.22 -1.10
CA GLU A 52 7.93 3.50 -0.49
C GLU A 52 8.87 3.31 0.70
N ASP A 53 8.58 2.31 1.54
CA ASP A 53 9.44 2.03 2.69
C ASP A 53 10.84 1.63 2.25
N GLU A 54 10.94 0.80 1.20
CA GLU A 54 12.23 0.28 0.78
C GLU A 54 13.10 1.40 0.23
N PHE A 55 12.53 2.31 -0.55
CA PHE A 55 13.30 3.32 -1.26
C PHE A 55 13.22 4.71 -0.65
N GLY A 56 12.41 4.88 0.41
CA GLY A 56 12.49 6.08 1.21
C GLY A 56 11.82 7.31 0.65
N PHE A 57 10.74 7.16 -0.11
CA PHE A 57 10.01 8.33 -0.58
C PHE A 57 8.58 7.92 -0.94
N GLU A 58 7.69 8.91 -0.90
CA GLU A 58 6.27 8.69 -1.12
C GLU A 58 5.95 8.77 -2.61
N ILE A 59 4.97 7.98 -3.02
CA ILE A 59 4.52 7.91 -4.41
C ILE A 59 3.10 8.45 -4.47
N PRO A 60 2.83 9.51 -5.24
CA PRO A 60 1.47 10.06 -5.29
C PRO A 60 0.47 9.00 -5.74
N ASP A 61 -0.77 9.17 -5.29
CA ASP A 61 -1.82 8.19 -5.57
C ASP A 61 -1.96 7.96 -7.08
N ILE A 62 -2.00 9.03 -7.86
CA ILE A 62 -2.22 8.90 -9.29
C ILE A 62 -1.11 8.06 -9.91
N ASP A 63 0.13 8.20 -9.43
CA ASP A 63 1.23 7.38 -9.93
C ASP A 63 1.14 5.96 -9.41
N ALA A 64 0.92 5.79 -8.11
CA ALA A 64 0.96 4.47 -7.49
C ALA A 64 -0.06 3.52 -8.12
N GLU A 65 -1.25 4.02 -8.44
CA GLU A 65 -2.32 3.16 -8.94
C GLU A 65 -2.01 2.57 -10.32
N LYS A 66 -1.01 3.09 -11.03
CA LYS A 66 -0.68 2.59 -12.35
C LYS A 66 0.34 1.46 -12.35
N LEU A 67 1.04 1.22 -11.24
CA LEU A 67 2.17 0.30 -11.19
C LEU A 67 1.66 -1.11 -10.88
N MET A 68 1.58 -1.95 -11.91
CA MET A 68 0.95 -3.27 -11.77
C MET A 68 1.87 -4.42 -12.17
N CYS A 69 3.15 -4.17 -12.36
CA CYS A 69 4.12 -5.25 -12.49
C CYS A 69 5.45 -4.73 -12.00
N PRO A 70 6.38 -5.63 -11.64
CA PRO A 70 7.67 -5.17 -11.10
C PRO A 70 8.44 -4.26 -12.04
N GLN A 71 8.44 -4.53 -13.35
CA GLN A 71 9.20 -3.71 -14.28
C GLN A 71 8.69 -2.27 -14.28
N GLU A 72 7.37 -2.08 -14.20
CA GLU A 72 6.82 -0.74 -14.13
C GLU A 72 7.28 -0.02 -12.87
N ILE A 73 7.37 -0.74 -11.76
CA ILE A 73 7.88 -0.15 -10.52
C ILE A 73 9.34 0.25 -10.70
N VAL A 74 10.15 -0.66 -11.26
CA VAL A 74 11.57 -0.37 -11.48
C VAL A 74 11.72 0.88 -12.32
N ASP A 75 11.01 0.95 -13.46
CA ASP A 75 11.10 2.11 -14.34
C ASP A 75 10.73 3.39 -13.61
N TYR A 76 9.72 3.33 -12.74
CA TYR A 76 9.27 4.51 -12.02
C TYR A 76 10.31 4.97 -11.01
N ILE A 77 10.79 4.05 -10.17
CA ILE A 77 11.83 4.39 -9.20
C ILE A 77 13.03 5.00 -9.91
N ALA A 78 13.50 4.34 -10.97
CA ALA A 78 14.66 4.85 -11.70
C ALA A 78 14.41 6.27 -12.20
N ASP A 79 13.22 6.50 -12.75
CA ASP A 79 12.87 7.86 -13.18
C ASP A 79 12.96 8.83 -12.02
N LYS A 80 12.21 8.55 -10.95
CA LYS A 80 12.07 9.52 -9.86
C LYS A 80 13.36 9.76 -9.10
N LYS A 81 14.29 8.80 -9.10
CA LYS A 81 15.60 8.99 -8.50
C LYS A 81 16.67 9.31 -9.54
N ASP A 82 16.27 9.54 -10.80
CA ASP A 82 17.18 9.99 -11.85
C ASP A 82 18.36 9.02 -12.02
N VAL A 83 18.03 7.75 -12.22
CA VAL A 83 19.00 6.69 -12.41
C VAL A 83 18.96 6.28 -13.88
N TYR A 84 20.13 6.25 -14.52
CA TYR A 84 20.21 6.00 -15.95
C TYR A 84 21.03 4.76 -16.32
N GLU A 85 21.76 4.17 -15.38
CA GLU A 85 22.51 2.95 -15.66
C GLU A 85 22.45 2.00 -14.46
N SER B 1 -17.53 4.39 -4.80
CA SER B 1 -16.91 3.92 -6.02
C SER B 1 -15.52 3.33 -5.72
N ARG B 2 -15.04 2.52 -6.65
CA ARG B 2 -13.76 1.85 -6.49
C ARG B 2 -12.67 2.84 -6.10
N ALA B 3 -12.56 3.96 -6.82
CA ALA B 3 -11.49 4.91 -6.56
C ALA B 3 -11.57 5.45 -5.14
N GLN B 4 -12.78 5.76 -4.67
CA GLN B 4 -12.93 6.31 -3.32
C GLN B 4 -12.49 5.30 -2.27
N VAL B 5 -12.88 4.04 -2.43
CA VAL B 5 -12.51 3.01 -1.46
C VAL B 5 -10.99 2.88 -1.37
N LEU B 6 -10.33 2.84 -2.54
CA LEU B 6 -8.88 2.61 -2.53
C LEU B 6 -8.12 3.81 -2.01
N SER B 7 -8.63 5.03 -2.26
CA SER B 7 -8.02 6.22 -1.70
C SER B 7 -8.09 6.22 -0.18
N LEU B 8 -9.26 5.86 0.37
CA LEU B 8 -9.41 5.80 1.82
C LEU B 8 -8.59 4.67 2.42
N TYR B 9 -8.54 3.52 1.75
CA TYR B 9 -7.69 2.41 2.21
C TYR B 9 -6.25 2.87 2.38
N ARG B 10 -5.69 3.50 1.34
CA ARG B 10 -4.32 3.98 1.40
C ARG B 10 -4.15 5.03 2.48
N ALA B 11 -5.09 5.98 2.57
CA ALA B 11 -4.96 7.06 3.56
C ALA B 11 -4.96 6.49 4.97
N MET B 12 -5.81 5.50 5.24
CA MET B 12 -5.88 4.94 6.58
C MET B 12 -4.60 4.18 6.93
N LEU B 13 -4.07 3.42 5.98
CA LEU B 13 -2.82 2.73 6.22
C LEU B 13 -1.68 3.72 6.42
N ARG B 14 -1.71 4.86 5.73
CA ARG B 14 -0.68 5.87 5.92
C ARG B 14 -0.71 6.42 7.34
N GLU B 15 -1.91 6.76 7.82
CA GLU B 15 -2.04 7.29 9.17
C GLU B 15 -1.63 6.27 10.21
N SER B 16 -1.93 4.99 9.97
CA SER B 16 -1.56 3.92 10.89
C SER B 16 -0.06 3.90 11.14
N LYS B 17 0.73 4.22 10.12
CA LYS B 17 2.18 4.18 10.26
C LYS B 17 2.69 5.23 11.23
N ARG B 18 1.87 6.24 11.55
CA ARG B 18 2.31 7.35 12.37
C ARG B 18 2.20 7.07 13.88
N PHE B 19 1.67 5.91 14.28
CA PHE B 19 1.65 5.56 15.69
C PHE B 19 3.06 5.19 16.14
N SER B 20 3.42 5.64 17.34
CA SER B 20 4.79 5.46 17.80
C SER B 20 5.10 4.06 18.30
N ALA B 21 4.11 3.34 18.84
CA ALA B 21 4.32 2.01 19.39
C ALA B 21 4.13 0.97 18.29
N TYR B 22 5.10 0.06 18.18
CA TYR B 22 5.03 -0.98 17.16
C TYR B 22 3.72 -1.77 17.26
N ASN B 23 3.35 -2.16 18.48
CA ASN B 23 2.17 -2.99 18.67
C ASN B 23 0.90 -2.29 18.17
N TYR B 24 0.82 -0.97 18.34
CA TYR B 24 -0.39 -0.27 17.93
C TYR B 24 -0.41 0.01 16.44
N ARG B 25 0.76 0.22 15.82
CA ARG B 25 0.82 0.27 14.36
C ARG B 25 0.28 -1.01 13.75
N THR B 26 0.75 -2.16 14.26
CA THR B 26 0.32 -3.45 13.71
C THR B 26 -1.17 -3.69 14.02
N TYR B 27 -1.64 -3.25 15.18
CA TYR B 27 -3.06 -3.37 15.50
C TYR B 27 -3.92 -2.60 14.51
N ALA B 28 -3.57 -1.34 14.25
CA ALA B 28 -4.35 -0.51 13.33
C ALA B 28 -4.32 -1.10 11.92
N VAL B 29 -3.14 -1.48 11.44
CA VAL B 29 -3.03 -2.05 10.09
C VAL B 29 -3.89 -3.30 9.97
N ARG B 30 -3.77 -4.22 10.93
CA ARG B 30 -4.58 -5.44 10.89
C ARG B 30 -6.07 -5.13 10.83
N ARG B 31 -6.52 -4.20 11.68
CA ARG B 31 -7.94 -3.84 11.70
C ARG B 31 -8.37 -3.27 10.36
N ILE B 32 -7.58 -2.37 9.79
CA ILE B 32 -7.93 -1.78 8.50
C ILE B 32 -8.03 -2.85 7.43
N ARG B 33 -7.01 -3.70 7.33
CA ARG B 33 -6.99 -4.70 6.26
C ARG B 33 -8.19 -5.64 6.37
N ASP B 34 -8.44 -6.17 7.56
CA ASP B 34 -9.56 -7.10 7.71
C ASP B 34 -10.88 -6.42 7.42
N ALA B 35 -11.03 -5.15 7.81
CA ALA B 35 -12.32 -4.47 7.66
C ALA B 35 -12.64 -4.19 6.21
N PHE B 36 -11.63 -3.77 5.42
CA PHE B 36 -11.87 -3.57 4.00
C PHE B 36 -12.06 -4.90 3.27
N ARG B 37 -11.22 -5.90 3.57
CA ARG B 37 -11.31 -7.16 2.82
C ARG B 37 -12.63 -7.88 3.10
N GLU B 38 -13.08 -7.89 4.35
CA GLU B 38 -14.29 -8.64 4.68
C GLU B 38 -15.52 -8.06 4.02
N ASN B 39 -15.39 -6.91 3.35
CA ASN B 39 -16.49 -6.31 2.59
C ASN B 39 -16.19 -6.27 1.10
N LYS B 40 -15.13 -6.91 0.64
CA LYS B 40 -14.73 -6.82 -0.76
C LYS B 40 -15.87 -7.19 -1.70
N ASN B 41 -16.59 -8.27 -1.38
CA ASN B 41 -17.59 -8.81 -2.30
C ASN B 41 -19.01 -8.43 -1.89
N VAL B 42 -19.16 -7.33 -1.15
CA VAL B 42 -20.47 -6.70 -1.00
C VAL B 42 -20.88 -6.11 -2.33
N LYS B 43 -22.15 -6.32 -2.70
CA LYS B 43 -22.76 -5.85 -3.98
C LYS B 43 -23.77 -4.73 -3.78
N ASP B 44 -24.63 -4.79 -2.76
CA ASP B 44 -25.68 -3.78 -2.46
C ASP B 44 -25.08 -2.36 -2.49
N PRO B 45 -25.34 -1.50 -3.50
CA PRO B 45 -24.76 -0.17 -3.55
C PRO B 45 -24.96 0.72 -2.32
N VAL B 46 -26.16 0.77 -1.74
CA VAL B 46 -26.37 1.61 -0.55
C VAL B 46 -25.50 1.11 0.60
N GLU B 47 -25.34 -0.20 0.69
CA GLU B 47 -24.49 -0.82 1.74
C GLU B 47 -23.03 -0.40 1.51
N ILE B 48 -22.66 -0.20 0.26
CA ILE B 48 -21.28 0.23 -0.10
C ILE B 48 -21.09 1.65 0.43
N GLN B 49 -22.05 2.53 0.15
CA GLN B 49 -22.00 3.94 0.60
C GLN B 49 -21.89 3.99 2.13
N THR B 50 -22.58 3.10 2.81
CA THR B 50 -22.60 3.06 4.27
C THR B 50 -21.19 2.74 4.73
N LEU B 51 -20.57 1.76 4.09
CA LEU B 51 -19.22 1.35 4.46
C LEU B 51 -18.20 2.41 4.11
N VAL B 52 -18.41 3.11 2.98
CA VAL B 52 -17.55 4.23 2.64
C VAL B 52 -17.65 5.32 3.70
N ASN B 53 -18.86 5.61 4.18
CA ASN B 53 -19.02 6.63 5.21
C ASN B 53 -18.32 6.23 6.50
N LYS B 54 -18.34 4.94 6.83
CA LYS B 54 -17.62 4.46 7.99
C LYS B 54 -16.12 4.68 7.83
N ALA B 55 -15.57 4.39 6.65
CA ALA B 55 -14.16 4.63 6.39
C ALA B 55 -13.84 6.11 6.53
N LYS B 56 -14.66 6.98 5.94
CA LYS B 56 -14.46 8.41 6.09
C LYS B 56 -14.41 8.81 7.57
N ARG B 57 -15.36 8.29 8.35
CA ARG B 57 -15.42 8.62 9.77
C ARG B 57 -14.21 8.08 10.51
N ASP B 58 -13.87 6.79 10.31
CA ASP B 58 -12.76 6.19 11.04
C ASP B 58 -11.41 6.75 10.63
N LEU B 59 -11.31 7.29 9.41
CA LEU B 59 -10.11 8.04 9.06
C LEU B 59 -9.95 9.26 9.95
N GLY B 60 -11.07 9.91 10.29
CA GLY B 60 -11.01 10.98 11.27
C GLY B 60 -10.62 10.50 12.65
N VAL B 61 -11.20 9.39 13.09
CA VAL B 61 -10.84 8.82 14.39
C VAL B 61 -9.34 8.53 14.44
N ILE B 62 -8.81 7.92 13.40
CA ILE B 62 -7.37 7.56 13.36
C ILE B 62 -6.54 8.84 13.45
N ARG B 63 -6.90 9.88 12.71
CA ARG B 63 -6.10 11.11 12.71
C ARG B 63 -6.12 11.77 14.08
N ARG B 64 -7.27 11.78 14.76
CA ARG B 64 -7.34 12.36 16.09
C ARG B 64 -6.52 11.54 17.09
N GLN B 65 -6.54 10.21 16.98
CA GLN B 65 -5.74 9.38 17.88
C GLN B 65 -4.25 9.62 17.66
N VAL B 66 -3.83 9.75 16.41
CA VAL B 66 -2.43 10.06 16.13
C VAL B 66 -2.04 11.36 16.82
N HIS B 67 -2.89 12.39 16.71
CA HIS B 67 -2.57 13.68 17.30
C HIS B 67 -2.46 13.58 18.82
N ILE B 68 -3.41 12.89 19.45
CA ILE B 68 -3.38 12.74 20.90
C ILE B 68 -2.13 11.99 21.34
N GLY B 69 -1.76 10.94 20.59
CA GLY B 69 -0.52 10.23 20.89
C GLY B 69 0.70 11.12 20.86
N GLN B 70 0.73 12.05 19.90
CA GLN B 70 1.85 12.98 19.81
C GLN B 70 1.91 13.89 21.03
N LEU B 71 0.75 14.16 21.65
CA LEU B 71 0.73 15.05 22.80
C LEU B 71 1.23 14.37 24.07
N TYR B 72 1.13 13.05 24.11
CA TYR B 72 1.54 12.22 25.28
C TYR B 72 2.97 11.74 25.10
N SER B 73 3.61 12.11 23.98
CA SER B 73 4.95 11.66 23.66
C SER B 73 5.98 12.38 24.52
N THR B 74 7.26 12.05 24.30
CA THR B 74 8.36 12.74 24.94
C THR B 74 9.24 13.43 23.89
#